data_7ON6
#
_entry.id   7ON6
#
_cell.length_a   82.767
_cell.length_b   82.767
_cell.length_c   90.023
_cell.angle_alpha   90.000
_cell.angle_beta   90.000
_cell.angle_gamma   120.000
#
_symmetry.space_group_name_H-M   'P 31 2 1'
#
loop_
_entity.id
_entity.type
_entity.pdbx_description
1 polymer SAKe6AE
2 non-polymer 'SULFATE ION'
3 water water
#
_entity_poly.entity_id   1
_entity_poly.type   'polypeptide(L)'
_entity_poly.pdbx_seq_one_letter_code
;GSHMDGRIYAVGGYDGSPDGHTHLNSVEAYDPETDTWSLVAPMKTRRSGVGVAVLDGRIYAVGGYDGSPDGHTHLNSVEA
YDPETDTWSLVAPMKTRRSGVGVAVLDGRIYAVGGYDGSPDGHTHLNSVEAYDPETDTWSLVAPMKTRRSGVGVAVLDGR
IYAVGGYDGSPDGHTHLNSVEAYDPETDTWSLVAPMKTRRSGVGVAVLDGRIYAVGGYDGSPDGHTHLNSVEAYDPETDT
WSLVAPMKTRRSGVGVAVLDGRIYAVGGYDGSPDGHTHLNSVEAYDPETDTWSLVAPMKTRRSGVGVAVL
;
_entity_poly.pdbx_strand_id   A
#
# COMPACT_ATOMS: atom_id res chain seq x y z
N GLY A 6 17.29 6.67 -4.67
CA GLY A 6 17.11 7.94 -3.96
C GLY A 6 15.89 8.78 -4.32
N ARG A 7 14.93 8.20 -5.04
CA ARG A 7 13.71 8.88 -5.41
C ARG A 7 12.51 8.04 -5.01
N ILE A 8 11.40 8.71 -4.72
CA ILE A 8 10.13 8.04 -4.47
C ILE A 8 9.38 7.94 -5.79
N TYR A 9 8.98 6.72 -6.14
CA TYR A 9 8.14 6.52 -7.32
C TYR A 9 6.70 6.32 -6.87
N ALA A 10 5.79 7.12 -7.44
CA ALA A 10 4.35 7.01 -7.24
C ALA A 10 3.79 6.36 -8.50
N VAL A 11 3.19 5.19 -8.33
CA VAL A 11 2.84 4.28 -9.41
C VAL A 11 1.33 4.11 -9.46
N GLY A 12 0.72 4.47 -10.58
CA GLY A 12 -0.68 4.18 -10.78
C GLY A 12 -1.57 4.94 -9.81
N GLY A 13 -2.69 4.31 -9.45
CA GLY A 13 -3.71 4.92 -8.63
C GLY A 13 -4.98 5.21 -9.42
N TYR A 14 -5.93 5.80 -8.72
CA TYR A 14 -7.23 6.18 -9.29
C TYR A 14 -7.35 7.69 -9.16
N ASP A 15 -7.45 8.36 -10.30
CA ASP A 15 -7.70 9.79 -10.33
C ASP A 15 -9.19 9.96 -10.58
N GLY A 16 -9.95 10.07 -9.50
CA GLY A 16 -11.38 10.31 -9.55
C GLY A 16 -11.77 11.76 -9.69
N SER A 17 -10.79 12.66 -9.82
CA SER A 17 -11.09 14.07 -9.97
C SER A 17 -11.83 14.31 -11.27
N PRO A 18 -12.58 15.42 -11.36
CA PRO A 18 -13.41 15.65 -12.55
C PRO A 18 -12.64 15.61 -13.85
N ASP A 19 -11.40 16.10 -13.86
CA ASP A 19 -10.61 16.18 -15.06
C ASP A 19 -9.85 14.90 -15.39
N GLY A 20 -9.67 14.00 -14.42
CA GLY A 20 -8.94 12.77 -14.67
C GLY A 20 -9.85 11.58 -14.92
N HIS A 21 -10.72 11.31 -13.96
CA HIS A 21 -11.77 10.29 -14.04
C HIS A 21 -11.27 8.98 -14.66
N THR A 22 -10.18 8.45 -14.11
CA THR A 22 -9.58 7.25 -14.66
C THR A 22 -8.66 6.55 -13.67
N HIS A 23 -8.55 5.24 -13.84
CA HIS A 23 -7.47 4.47 -13.24
C HIS A 23 -6.22 4.66 -14.08
N LEU A 24 -5.07 4.77 -13.40
CA LEU A 24 -3.88 5.35 -14.00
C LEU A 24 -2.83 4.31 -14.36
N ASN A 25 -2.20 4.51 -15.51
CA ASN A 25 -0.94 3.82 -15.82
C ASN A 25 0.28 4.71 -15.60
N SER A 26 0.09 5.97 -15.24
CA SER A 26 1.21 6.89 -15.17
C SER A 26 2.01 6.71 -13.88
N VAL A 27 3.24 7.22 -13.91
CA VAL A 27 4.21 7.09 -12.85
C VAL A 27 4.97 8.41 -12.76
N GLU A 28 5.27 8.84 -11.54
CA GLU A 28 6.10 10.02 -11.34
C GLU A 28 7.06 9.76 -10.19
N ALA A 29 8.17 10.51 -10.19
CA ALA A 29 9.24 10.29 -9.23
C ALA A 29 9.63 11.57 -8.53
N TYR A 30 9.79 11.50 -7.20
CA TYR A 30 10.11 12.64 -6.36
C TYR A 30 11.59 12.67 -6.03
N ASP A 31 12.22 13.81 -6.28
N ASP A 31 12.21 13.82 -6.25
CA ASP A 31 13.61 14.01 -5.92
CA ASP A 31 13.61 14.05 -5.93
C ASP A 31 13.68 14.89 -4.68
C ASP A 31 13.68 14.90 -4.68
N PRO A 32 14.16 14.38 -3.56
CA PRO A 32 14.16 15.20 -2.33
C PRO A 32 15.15 16.33 -2.31
N GLU A 33 16.20 16.29 -3.13
CA GLU A 33 17.14 17.41 -3.13
C GLU A 33 16.49 18.66 -3.69
N THR A 34 15.74 18.52 -4.78
CA THR A 34 15.15 19.65 -5.46
C THR A 34 13.70 19.88 -5.10
N ASP A 35 13.04 18.91 -4.44
CA ASP A 35 11.62 19.00 -4.12
C ASP A 35 10.77 19.06 -5.38
N THR A 36 11.05 18.15 -6.32
CA THR A 36 10.37 18.08 -7.59
C THR A 36 9.81 16.69 -7.83
N TRP A 37 8.70 16.64 -8.57
CA TRP A 37 8.13 15.42 -9.12
C TRP A 37 8.33 15.46 -10.63
N SER A 38 8.82 14.35 -11.19
CA SER A 38 9.15 14.26 -12.60
C SER A 38 8.49 13.05 -13.24
N LEU A 39 8.27 13.16 -14.55
CA LEU A 39 7.68 12.07 -15.31
C LEU A 39 8.59 10.85 -15.33
N VAL A 40 7.96 9.69 -15.24
CA VAL A 40 8.58 8.38 -15.47
C VAL A 40 7.76 7.73 -16.58
N ALA A 41 8.36 6.78 -17.29
CA ALA A 41 7.61 6.04 -18.31
C ALA A 41 6.36 5.40 -17.69
N PRO A 42 5.23 5.40 -18.38
CA PRO A 42 4.02 4.78 -17.83
C PRO A 42 4.06 3.26 -17.91
N MET A 43 3.34 2.63 -17.00
CA MET A 43 3.10 1.20 -17.12
C MET A 43 2.30 0.83 -18.34
N LYS A 44 2.37 -0.46 -18.69
CA LYS A 44 1.55 -0.99 -19.77
C LYS A 44 0.09 -1.07 -19.36
N THR A 45 -0.19 -1.19 -18.07
CA THR A 45 -1.50 -1.50 -17.54
C THR A 45 -1.92 -0.44 -16.53
N ARG A 46 -3.16 0.03 -16.64
CA ARG A 46 -3.73 0.90 -15.63
C ARG A 46 -4.06 0.10 -14.37
N ARG A 47 -3.67 0.64 -13.23
CA ARG A 47 -3.78 -0.08 -11.96
C ARG A 47 -3.98 0.90 -10.83
N SER A 48 -5.09 0.79 -10.10
CA SER A 48 -5.24 1.38 -8.79
C SER A 48 -5.29 0.27 -7.73
N GLY A 49 -5.09 0.64 -6.47
CA GLY A 49 -5.01 -0.40 -5.46
C GLY A 49 -3.86 -1.35 -5.76
N VAL A 50 -2.75 -0.82 -6.26
CA VAL A 50 -1.63 -1.59 -6.76
C VAL A 50 -0.56 -1.68 -5.68
N GLY A 51 0.09 -2.84 -5.60
CA GLY A 51 1.22 -3.02 -4.70
C GLY A 51 2.51 -2.80 -5.45
N VAL A 52 3.46 -2.15 -4.81
CA VAL A 52 4.73 -1.80 -5.43
C VAL A 52 5.86 -2.15 -4.49
N ALA A 53 6.91 -2.75 -5.04
CA ALA A 53 8.11 -2.97 -4.25
C ALA A 53 9.34 -2.96 -5.15
N VAL A 54 10.49 -2.79 -4.51
CA VAL A 54 11.77 -2.69 -5.20
C VAL A 54 12.58 -3.91 -4.85
N LEU A 55 13.15 -4.53 -5.87
CA LEU A 55 13.98 -5.72 -5.70
C LEU A 55 15.02 -5.74 -6.79
N ASP A 56 16.29 -5.81 -6.40
CA ASP A 56 17.40 -5.95 -7.34
C ASP A 56 17.37 -4.87 -8.43
N GLY A 57 17.14 -3.64 -8.01
CA GLY A 57 17.24 -2.51 -8.90
C GLY A 57 16.07 -2.28 -9.83
N ARG A 58 14.95 -3.00 -9.64
CA ARG A 58 13.74 -2.80 -10.43
C ARG A 58 12.56 -2.56 -9.51
N ILE A 59 11.60 -1.80 -10.01
CA ILE A 59 10.32 -1.60 -9.34
C ILE A 59 9.33 -2.59 -9.92
N TYR A 60 8.61 -3.31 -9.06
CA TYR A 60 7.56 -4.20 -9.48
C TYR A 60 6.21 -3.59 -9.11
N ALA A 61 5.31 -3.56 -10.08
CA ALA A 61 3.92 -3.16 -9.90
C ALA A 61 3.09 -4.44 -9.99
N VAL A 62 2.35 -4.73 -8.92
CA VAL A 62 1.73 -6.03 -8.70
C VAL A 62 0.20 -5.85 -8.60
N GLY A 63 -0.52 -6.52 -9.48
CA GLY A 63 -1.97 -6.56 -9.35
C GLY A 63 -2.62 -5.19 -9.50
N GLY A 64 -3.70 -5.02 -8.77
CA GLY A 64 -4.47 -3.81 -8.77
C GLY A 64 -5.85 -3.99 -9.35
N TYR A 65 -6.47 -2.85 -9.67
CA TYR A 65 -7.85 -2.75 -10.07
C TYR A 65 -7.96 -1.74 -11.20
N ASP A 66 -8.93 -1.98 -12.07
CA ASP A 66 -9.28 -1.00 -13.11
C ASP A 66 -10.79 -1.11 -13.29
N GLY A 67 -11.52 -0.08 -12.84
CA GLY A 67 -12.97 -0.12 -12.86
C GLY A 67 -13.59 0.07 -14.23
N SER A 68 -12.79 0.37 -15.24
CA SER A 68 -13.33 0.51 -16.59
C SER A 68 -14.13 -0.73 -16.95
N PRO A 69 -15.26 -0.59 -17.66
CA PRO A 69 -16.12 -1.75 -17.91
C PRO A 69 -15.51 -2.78 -18.85
N ASP A 70 -14.48 -2.45 -19.60
CA ASP A 70 -13.92 -3.35 -20.59
C ASP A 70 -12.75 -4.12 -19.99
N GLY A 71 -12.72 -5.43 -20.20
CA GLY A 71 -11.63 -6.26 -19.74
C GLY A 71 -11.70 -6.53 -18.24
N HIS A 72 -10.78 -7.37 -17.79
CA HIS A 72 -10.73 -7.73 -16.38
C HIS A 72 -10.58 -6.50 -15.51
N THR A 73 -11.33 -6.47 -14.41
CA THR A 73 -11.23 -5.36 -13.48
C THR A 73 -10.29 -5.64 -12.31
N HIS A 74 -10.08 -6.91 -11.97
CA HIS A 74 -9.11 -7.31 -10.95
C HIS A 74 -7.92 -7.91 -11.67
N LEU A 75 -6.72 -7.51 -11.27
CA LEU A 75 -5.52 -7.81 -12.04
C LEU A 75 -4.65 -8.84 -11.36
N ASN A 76 -4.21 -9.85 -12.12
CA ASN A 76 -3.13 -10.74 -11.69
C ASN A 76 -1.80 -10.38 -12.33
N SER A 77 -1.78 -9.44 -13.26
CA SER A 77 -0.54 -9.17 -13.99
C SER A 77 0.43 -8.37 -13.12
N VAL A 78 1.69 -8.48 -13.49
CA VAL A 78 2.81 -7.88 -12.72
C VAL A 78 3.75 -7.30 -13.77
N GLU A 79 4.30 -6.12 -13.58
CA GLU A 79 5.31 -5.60 -14.53
C GLU A 79 6.48 -5.04 -13.77
N ALA A 80 7.64 -4.95 -14.39
CA ALA A 80 8.89 -4.54 -13.74
C ALA A 80 9.44 -3.32 -14.47
N TYR A 81 9.85 -2.32 -13.75
CA TYR A 81 10.42 -1.11 -14.30
C TYR A 81 11.94 -1.17 -14.19
N ASP A 82 12.61 -0.94 -15.32
CA ASP A 82 14.05 -0.84 -15.38
C ASP A 82 14.44 0.63 -15.46
N PRO A 83 15.04 1.20 -14.41
CA PRO A 83 15.37 2.64 -14.47
C PRO A 83 16.44 2.98 -15.49
N GLU A 84 17.27 2.03 -15.91
CA GLU A 84 18.34 2.34 -16.84
C GLU A 84 17.80 2.59 -18.24
N THR A 85 16.73 1.91 -18.62
CA THR A 85 16.09 2.10 -19.91
C THR A 85 14.79 2.89 -19.82
N ASP A 86 14.29 3.18 -18.62
CA ASP A 86 13.01 3.86 -18.44
C ASP A 86 11.91 3.10 -19.19
N THR A 87 11.85 1.79 -18.96
CA THR A 87 10.85 0.94 -19.60
C THR A 87 10.27 -0.04 -18.59
N TRP A 88 9.02 -0.39 -18.82
CA TRP A 88 8.32 -1.41 -18.06
C TRP A 88 8.14 -2.65 -18.94
N SER A 89 8.19 -3.82 -18.31
CA SER A 89 8.03 -5.09 -19.00
C SER A 89 7.19 -6.01 -18.13
N LEU A 90 6.30 -6.77 -18.75
CA LEU A 90 5.49 -7.73 -18.00
C LEU A 90 6.37 -8.88 -17.54
N VAL A 91 6.13 -9.36 -16.32
CA VAL A 91 6.75 -10.59 -15.85
C VAL A 91 5.65 -11.60 -15.58
N ALA A 92 5.96 -12.71 -14.88
CA ALA A 92 4.95 -13.73 -14.70
C ALA A 92 3.78 -13.19 -13.88
N PRO A 93 2.54 -13.51 -14.24
CA PRO A 93 1.39 -13.07 -13.43
C PRO A 93 1.23 -13.90 -12.17
N MET A 94 0.57 -13.29 -11.19
CA MET A 94 0.20 -14.06 -10.01
C MET A 94 -0.83 -15.12 -10.35
N LYS A 95 -0.97 -16.09 -9.42
CA LYS A 95 -2.00 -17.10 -9.56
C LYS A 95 -3.39 -16.55 -9.29
N THR A 96 -3.49 -15.51 -8.45
CA THR A 96 -4.77 -14.91 -8.06
C THR A 96 -4.77 -13.45 -8.47
N ARG A 97 -5.91 -12.98 -8.96
CA ARG A 97 -6.13 -11.56 -9.19
C ARG A 97 -6.31 -10.87 -7.85
N ARG A 98 -5.62 -9.74 -7.64
CA ARG A 98 -5.58 -9.10 -6.33
C ARG A 98 -5.61 -7.59 -6.49
N SER A 99 -6.74 -7.01 -6.16
CA SER A 99 -6.91 -5.58 -6.03
C SER A 99 -6.75 -5.17 -4.57
N GLY A 100 -6.21 -3.97 -4.35
CA GLY A 100 -5.99 -3.53 -2.98
C GLY A 100 -5.03 -4.44 -2.25
N VAL A 101 -4.00 -4.90 -2.95
CA VAL A 101 -3.04 -5.88 -2.44
C VAL A 101 -1.91 -5.18 -1.71
N GLY A 102 -1.40 -5.82 -0.67
CA GLY A 102 -0.20 -5.36 0.03
C GLY A 102 1.01 -6.11 -0.50
N VAL A 103 2.09 -5.39 -0.71
CA VAL A 103 3.29 -5.98 -1.28
C VAL A 103 4.50 -5.55 -0.48
N ALA A 104 5.40 -6.49 -0.21
CA ALA A 104 6.66 -6.18 0.41
C ALA A 104 7.72 -7.17 -0.03
N VAL A 105 8.97 -6.84 0.20
CA VAL A 105 10.11 -7.65 -0.21
C VAL A 105 10.75 -8.21 1.04
N LEU A 106 11.00 -9.52 1.02
CA LEU A 106 11.63 -10.20 2.15
C LEU A 106 12.56 -11.24 1.57
N ASP A 107 13.84 -11.16 1.91
CA ASP A 107 14.79 -12.20 1.57
C ASP A 107 14.79 -12.52 0.08
N GLY A 108 14.76 -11.50 -0.76
CA GLY A 108 14.90 -11.70 -2.20
C GLY A 108 13.65 -12.15 -2.92
N ARG A 109 12.51 -12.15 -2.26
CA ARG A 109 11.23 -12.49 -2.85
C ARG A 109 10.27 -11.33 -2.66
N ILE A 110 9.37 -11.15 -3.63
CA ILE A 110 8.26 -10.21 -3.49
C ILE A 110 7.05 -10.97 -2.96
N TYR A 111 6.46 -10.50 -1.88
CA TYR A 111 5.24 -11.09 -1.33
C TYR A 111 4.05 -10.23 -1.70
N ALA A 112 2.99 -10.87 -2.15
CA ALA A 112 1.71 -10.25 -2.43
C ALA A 112 0.71 -10.80 -1.42
N VAL A 113 0.13 -9.91 -0.63
CA VAL A 113 -0.62 -10.26 0.57
C VAL A 113 -2.06 -9.78 0.40
N GLY A 114 -3.00 -10.72 0.47
CA GLY A 114 -4.41 -10.34 0.51
C GLY A 114 -4.89 -9.67 -0.77
N GLY A 115 -5.80 -8.72 -0.59
CA GLY A 115 -6.46 -8.05 -1.69
C GLY A 115 -7.90 -8.52 -1.85
N TYR A 116 -8.50 -8.14 -2.98
CA TYR A 116 -9.83 -8.65 -3.34
C TYR A 116 -9.86 -9.02 -4.82
N ASP A 117 -10.64 -10.04 -5.14
N ASP A 117 -10.68 -10.02 -5.13
CA ASP A 117 -10.87 -10.44 -6.53
CA ASP A 117 -10.88 -10.56 -6.47
C ASP A 117 -12.37 -10.55 -6.79
C ASP A 117 -12.36 -10.44 -6.82
N GLY A 118 -12.70 -10.79 -8.06
CA GLY A 118 -14.08 -10.72 -8.48
C GLY A 118 -14.87 -11.97 -8.10
N SER A 119 -16.15 -11.75 -7.83
CA SER A 119 -17.10 -12.80 -7.52
C SER A 119 -18.35 -12.56 -8.34
N PRO A 120 -19.23 -13.56 -8.47
CA PRO A 120 -20.49 -13.34 -9.19
C PRO A 120 -21.37 -12.28 -8.55
N ASP A 121 -21.19 -11.99 -7.27
CA ASP A 121 -22.02 -11.04 -6.55
C ASP A 121 -21.31 -9.72 -6.27
N GLY A 122 -20.04 -9.59 -6.63
CA GLY A 122 -19.28 -8.40 -6.32
C GLY A 122 -17.81 -8.71 -6.19
N HIS A 123 -17.29 -8.66 -4.98
CA HIS A 123 -15.85 -8.83 -4.72
C HIS A 123 -15.65 -9.81 -3.58
N THR A 124 -14.55 -10.54 -3.61
CA THR A 124 -14.18 -11.49 -2.57
C THR A 124 -12.86 -11.05 -1.96
N HIS A 125 -12.82 -10.94 -0.64
CA HIS A 125 -11.64 -10.49 0.07
C HIS A 125 -10.79 -11.69 0.45
N LEU A 126 -9.48 -11.51 0.34
CA LEU A 126 -8.54 -12.63 0.30
C LEU A 126 -7.70 -12.68 1.56
N ASN A 127 -7.49 -13.90 2.07
CA ASN A 127 -6.47 -14.14 3.07
C ASN A 127 -5.22 -14.78 2.47
N SER A 128 -5.24 -15.11 1.19
CA SER A 128 -4.12 -15.82 0.59
C SER A 128 -2.94 -14.89 0.33
N VAL A 129 -1.78 -15.52 0.18
CA VAL A 129 -0.50 -14.85 0.03
C VAL A 129 0.31 -15.63 -0.99
N GLU A 130 1.04 -14.93 -1.86
CA GLU A 130 1.95 -15.59 -2.78
C GLU A 130 3.27 -14.81 -2.83
N ALA A 131 4.32 -15.48 -3.31
CA ALA A 131 5.65 -14.88 -3.32
C ALA A 131 6.34 -15.14 -4.66
N TYR A 132 7.08 -14.14 -5.13
CA TYR A 132 7.68 -14.14 -6.46
C TYR A 132 9.20 -14.26 -6.37
N ASP A 133 9.75 -15.18 -7.15
CA ASP A 133 11.20 -15.34 -7.29
C ASP A 133 11.64 -14.76 -8.63
N PRO A 134 12.41 -13.67 -8.69
CA PRO A 134 12.80 -13.11 -9.99
C PRO A 134 13.70 -14.03 -10.83
N GLU A 135 14.57 -14.82 -10.20
CA GLU A 135 15.55 -15.68 -10.93
C GLU A 135 14.82 -16.67 -11.83
N THR A 136 13.76 -17.32 -11.34
CA THR A 136 12.98 -18.32 -12.12
C THR A 136 11.71 -17.66 -12.69
N ASP A 137 11.39 -16.42 -12.31
CA ASP A 137 10.19 -15.73 -12.78
C ASP A 137 8.94 -16.57 -12.47
N THR A 138 8.82 -16.96 -11.20
CA THR A 138 7.70 -17.79 -10.78
C THR A 138 7.11 -17.28 -9.47
N TRP A 139 5.81 -17.51 -9.32
CA TRP A 139 5.09 -17.24 -8.09
C TRP A 139 4.79 -18.56 -7.38
N SER A 140 4.90 -18.56 -6.06
CA SER A 140 4.63 -19.73 -5.25
C SER A 140 3.66 -19.35 -4.13
N LEU A 141 2.99 -20.38 -3.62
N LEU A 141 2.86 -20.30 -3.69
CA LEU A 141 2.07 -20.21 -2.51
CA LEU A 141 1.92 -20.03 -2.62
C LEU A 141 2.83 -19.88 -1.23
C LEU A 141 2.63 -20.19 -1.27
N VAL A 142 2.19 -19.07 -0.39
N VAL A 142 2.28 -19.34 -0.32
CA VAL A 142 2.64 -18.79 0.96
CA VAL A 142 2.74 -19.51 1.05
C VAL A 142 1.44 -19.10 1.86
C VAL A 142 1.52 -19.54 1.97
N ALA A 143 1.73 -19.41 3.12
N ALA A 143 1.76 -19.58 3.28
CA ALA A 143 0.65 -19.72 4.05
CA ALA A 143 0.64 -19.73 4.21
C ALA A 143 -0.30 -18.53 4.15
C ALA A 143 -0.30 -18.54 4.11
N PRO A 144 -1.61 -18.77 4.19
CA PRO A 144 -2.55 -17.65 4.25
C PRO A 144 -2.61 -16.99 5.62
N MET A 145 -2.99 -15.72 5.62
CA MET A 145 -3.30 -15.02 6.86
C MET A 145 -4.51 -15.63 7.55
N LYS A 146 -4.63 -15.32 8.84
CA LYS A 146 -5.82 -15.70 9.59
C LYS A 146 -7.03 -14.89 9.18
N THR A 147 -6.84 -13.64 8.78
CA THR A 147 -7.93 -12.74 8.43
C THR A 147 -7.80 -12.30 6.97
N ARG A 148 -8.95 -12.29 6.29
CA ARG A 148 -9.03 -11.77 4.92
C ARG A 148 -8.84 -10.26 5.01
N ARG A 149 -8.02 -9.66 4.16
CA ARG A 149 -7.71 -8.21 4.27
C ARG A 149 -7.45 -7.62 2.90
N SER A 150 -8.18 -6.62 2.44
CA SER A 150 -7.79 -5.81 1.26
C SER A 150 -7.46 -4.41 1.81
N GLY A 151 -6.76 -3.59 1.08
CA GLY A 151 -6.35 -2.29 1.59
C GLY A 151 -5.51 -2.43 2.83
N VAL A 152 -4.69 -3.47 2.85
CA VAL A 152 -3.85 -3.85 3.98
C VAL A 152 -2.47 -3.23 3.80
N GLY A 153 -1.89 -2.76 4.90
CA GLY A 153 -0.53 -2.29 4.87
C GLY A 153 0.42 -3.43 5.21
N VAL A 154 1.48 -3.55 4.44
N VAL A 154 1.53 -3.50 4.49
CA VAL A 154 2.47 -4.58 4.72
CA VAL A 154 2.49 -4.58 4.63
C VAL A 154 3.84 -3.94 4.85
C VAL A 154 3.88 -3.98 4.79
N ALA A 155 4.58 -4.36 5.86
CA ALA A 155 5.94 -3.90 6.04
C ALA A 155 6.78 -5.01 6.65
N VAL A 156 8.08 -4.91 6.46
CA VAL A 156 9.04 -5.91 6.89
C VAL A 156 9.88 -5.29 8.00
N LEU A 157 9.96 -6.00 9.12
CA LEU A 157 10.78 -5.59 10.25
C LEU A 157 11.38 -6.84 10.86
N ASP A 158 12.71 -6.87 10.95
CA ASP A 158 13.44 -7.94 11.62
C ASP A 158 13.06 -9.31 11.07
N GLY A 159 12.98 -9.40 9.74
CA GLY A 159 12.76 -10.66 9.09
C GLY A 159 11.35 -11.20 9.12
N ARG A 160 10.38 -10.42 9.57
CA ARG A 160 8.98 -10.81 9.51
C ARG A 160 8.19 -9.79 8.70
N ILE A 161 7.14 -10.28 8.04
CA ILE A 161 6.21 -9.43 7.33
C ILE A 161 5.03 -9.14 8.24
N TYR A 162 4.72 -7.88 8.43
CA TYR A 162 3.56 -7.48 9.22
C TYR A 162 2.45 -7.05 8.28
N ALA A 163 1.27 -7.65 8.45
CA ALA A 163 0.06 -7.26 7.73
C ALA A 163 -0.80 -6.48 8.71
N VAL A 164 -1.03 -5.21 8.39
CA VAL A 164 -1.56 -4.23 9.32
C VAL A 164 -2.92 -3.76 8.82
N GLY A 165 -3.96 -3.93 9.64
CA GLY A 165 -5.25 -3.37 9.31
C GLY A 165 -5.84 -3.93 8.03
N GLY A 166 -6.60 -3.09 7.34
CA GLY A 166 -7.28 -3.47 6.12
C GLY A 166 -8.79 -3.55 6.28
N TYR A 167 -9.41 -4.18 5.29
CA TYR A 167 -10.85 -4.30 5.14
C TYR A 167 -11.19 -5.75 4.89
N ASP A 168 -12.08 -6.30 5.70
CA ASP A 168 -12.57 -7.66 5.54
C ASP A 168 -14.05 -7.61 5.20
N GLY A 169 -14.35 -7.77 3.92
CA GLY A 169 -15.71 -7.75 3.44
C GLY A 169 -16.44 -9.06 3.54
N SER A 170 -15.83 -10.09 4.11
CA SER A 170 -16.50 -11.38 4.27
C SER A 170 -17.49 -11.34 5.42
N PRO A 171 -18.39 -12.32 5.52
CA PRO A 171 -19.36 -12.32 6.61
C PRO A 171 -18.70 -12.61 7.95
N ASP A 172 -19.34 -12.14 9.01
CA ASP A 172 -18.87 -12.39 10.37
C ASP A 172 -17.57 -11.62 10.65
N GLY A 173 -17.39 -11.19 11.88
CA GLY A 173 -16.22 -10.43 12.26
C GLY A 173 -16.28 -8.99 11.77
N HIS A 174 -15.32 -8.21 12.25
CA HIS A 174 -15.27 -6.80 11.91
C HIS A 174 -14.94 -6.61 10.44
N THR A 175 -15.33 -5.45 9.93
CA THR A 175 -15.04 -5.07 8.56
C THR A 175 -13.79 -4.21 8.47
N HIS A 176 -13.69 -3.15 9.27
CA HIS A 176 -12.51 -2.29 9.29
C HIS A 176 -11.60 -2.77 10.41
N LEU A 177 -10.37 -3.11 10.06
CA LEU A 177 -9.54 -3.93 10.93
C LEU A 177 -8.55 -3.08 11.72
N ASN A 178 -8.45 -3.36 13.02
CA ASN A 178 -7.30 -2.91 13.82
C ASN A 178 -6.29 -4.03 14.03
N SER A 179 -6.58 -5.24 13.58
CA SER A 179 -5.70 -6.35 13.89
C SER A 179 -4.44 -6.33 13.03
N VAL A 180 -3.42 -7.01 13.52
CA VAL A 180 -2.09 -7.06 12.92
C VAL A 180 -1.58 -8.49 13.07
N GLU A 181 -1.06 -9.04 11.97
N GLU A 181 -1.02 -9.04 12.00
CA GLU A 181 -0.48 -10.38 11.94
CA GLU A 181 -0.43 -10.36 12.09
C GLU A 181 0.96 -10.27 11.45
C GLU A 181 0.91 -10.38 11.35
N ALA A 182 1.81 -11.19 11.89
CA ALA A 182 3.20 -11.23 11.46
C ALA A 182 3.52 -12.60 10.88
N TYR A 183 4.18 -12.59 9.73
CA TYR A 183 4.57 -13.79 9.00
C TYR A 183 6.03 -14.12 9.30
N ASP A 184 6.27 -15.35 9.74
CA ASP A 184 7.59 -15.85 10.02
C ASP A 184 7.98 -16.78 8.87
N PRO A 185 8.93 -16.38 8.02
CA PRO A 185 9.29 -17.25 6.89
C PRO A 185 9.97 -18.53 7.30
N GLU A 186 10.57 -18.59 8.49
CA GLU A 186 11.27 -19.80 8.91
C GLU A 186 10.31 -20.94 9.13
N THR A 187 9.08 -20.64 9.53
CA THR A 187 8.05 -21.62 9.81
C THR A 187 6.86 -21.54 8.88
N ASP A 188 6.82 -20.55 7.98
CA ASP A 188 5.68 -20.36 7.08
C ASP A 188 4.38 -20.30 7.86
N THR A 189 4.36 -19.46 8.90
CA THR A 189 3.17 -19.26 9.72
C THR A 189 2.97 -17.77 10.02
N TRP A 190 1.70 -17.42 10.20
CA TRP A 190 1.27 -16.08 10.62
C TRP A 190 0.83 -16.17 12.07
N SER A 191 1.15 -15.14 12.85
CA SER A 191 0.76 -15.06 14.24
C SER A 191 0.24 -13.66 14.54
N LEU A 192 -0.78 -13.55 15.39
CA LEU A 192 -1.29 -12.23 15.72
C LEU A 192 -0.31 -11.51 16.63
N VAL A 193 -0.22 -10.19 16.46
CA VAL A 193 0.48 -9.36 17.42
C VAL A 193 -0.52 -8.34 17.95
N ALA A 194 -0.04 -7.37 18.72
CA ALA A 194 -0.96 -6.43 19.35
C ALA A 194 -1.72 -5.66 18.28
N PRO A 195 -3.02 -5.43 18.48
CA PRO A 195 -3.79 -4.63 17.52
C PRO A 195 -3.49 -3.15 17.68
N MET A 196 -3.73 -2.43 16.59
CA MET A 196 -3.67 -0.99 16.63
C MET A 196 -4.74 -0.39 17.53
N LYS A 197 -4.50 0.86 17.95
CA LYS A 197 -5.52 1.60 18.70
C LYS A 197 -6.72 1.93 17.83
N THR A 198 -6.52 2.14 16.53
CA THR A 198 -7.59 2.57 15.63
C THR A 198 -7.74 1.55 14.51
N ARG A 199 -8.98 1.27 14.14
CA ARG A 199 -9.27 0.48 12.96
C ARG A 199 -8.96 1.29 11.71
N ARG A 200 -8.24 0.69 10.76
CA ARG A 200 -7.77 1.41 9.58
C ARG A 200 -7.82 0.53 8.33
N SER A 201 -8.81 0.75 7.46
CA SER A 201 -8.76 0.18 6.13
C SER A 201 -8.04 1.19 5.24
N GLY A 202 -7.39 0.69 4.19
CA GLY A 202 -6.68 1.62 3.32
C GLY A 202 -5.52 2.31 3.96
N VAL A 203 -4.84 1.64 4.88
CA VAL A 203 -3.76 2.20 5.67
C VAL A 203 -2.45 2.05 4.92
N GLY A 204 -1.56 3.02 5.07
CA GLY A 204 -0.20 2.90 4.56
C GLY A 204 0.74 2.60 5.71
N VAL A 205 1.76 1.79 5.43
N VAL A 205 1.82 1.86 5.43
CA VAL A 205 2.73 1.49 6.46
CA VAL A 205 2.69 1.32 6.48
C VAL A 205 4.14 1.69 5.92
C VAL A 205 4.14 1.35 6.02
N ALA A 206 5.03 1.90 6.86
CA ALA A 206 6.45 1.90 6.57
C ALA A 206 7.22 1.69 7.86
N VAL A 207 8.47 1.28 7.71
CA VAL A 207 9.35 0.99 8.83
C VAL A 207 10.44 2.03 8.87
N LEU A 208 10.65 2.63 10.03
CA LEU A 208 11.68 3.63 10.21
C LEU A 208 12.25 3.49 11.62
N ASP A 209 13.58 3.36 11.70
CA ASP A 209 14.29 3.27 12.98
C ASP A 209 13.64 2.25 13.92
N GLY A 210 13.33 1.08 13.38
CA GLY A 210 12.90 -0.04 14.19
C GLY A 210 11.45 0.00 14.64
N ARG A 211 10.63 0.90 14.08
CA ARG A 211 9.22 0.96 14.39
C ARG A 211 8.43 0.86 13.10
N ILE A 212 7.25 0.24 13.19
CA ILE A 212 6.30 0.25 12.09
C ILE A 212 5.34 1.41 12.30
N TYR A 213 5.19 2.23 11.28
CA TYR A 213 4.23 3.33 11.31
C TYR A 213 3.01 2.97 10.46
N ALA A 214 1.83 3.11 11.06
CA ALA A 214 0.56 2.95 10.38
C ALA A 214 0.00 4.34 10.17
N VAL A 215 -0.22 4.70 8.91
CA VAL A 215 -0.47 6.08 8.51
C VAL A 215 -1.87 6.15 7.90
N GLY A 216 -2.72 6.96 8.50
CA GLY A 216 -4.00 7.24 7.88
C GLY A 216 -4.91 6.03 7.81
N GLY A 217 -5.71 5.98 6.74
CA GLY A 217 -6.73 4.97 6.57
C GLY A 217 -8.11 5.51 6.85
N TYR A 218 -9.04 4.57 6.96
CA TYR A 218 -10.45 4.85 7.16
C TYR A 218 -10.97 3.96 8.28
N ASP A 219 -11.57 4.58 9.29
CA ASP A 219 -12.20 3.86 10.38
C ASP A 219 -13.70 3.89 10.12
N GLY A 220 -14.22 2.84 9.51
CA GLY A 220 -15.63 2.71 9.21
C GLY A 220 -16.45 2.05 10.28
N SER A 221 -15.89 1.84 11.47
CA SER A 221 -16.60 1.21 12.57
C SER A 221 -17.60 2.20 13.16
N PRO A 222 -18.54 1.70 13.98
CA PRO A 222 -19.66 2.56 14.42
C PRO A 222 -19.29 3.90 15.03
N ASP A 223 -18.35 3.93 15.97
CA ASP A 223 -17.98 5.19 16.60
C ASP A 223 -17.11 6.07 15.73
N GLY A 224 -16.74 5.61 14.53
CA GLY A 224 -15.81 6.35 13.70
C GLY A 224 -16.45 6.95 12.45
N HIS A 225 -16.44 6.19 11.35
CA HIS A 225 -16.82 6.73 10.05
C HIS A 225 -15.98 7.95 9.70
N THR A 226 -14.66 7.83 9.87
N THR A 226 -14.67 7.78 9.81
CA THR A 226 -13.80 8.99 9.74
CA THR A 226 -13.70 8.86 9.80
C THR A 226 -12.53 8.64 8.98
C THR A 226 -12.57 8.51 8.84
N HIS A 227 -12.26 9.42 7.93
CA HIS A 227 -11.00 9.38 7.22
C HIS A 227 -9.96 9.94 8.17
N LEU A 228 -8.85 9.23 8.29
CA LEU A 228 -7.91 9.47 9.38
C LEU A 228 -6.72 10.30 8.92
N ASN A 229 -6.39 11.30 9.72
CA ASN A 229 -5.06 11.90 9.66
C ASN A 229 -4.15 11.34 10.74
N SER A 230 -4.66 10.47 11.61
CA SER A 230 -3.86 9.98 12.71
C SER A 230 -2.85 8.94 12.23
N VAL A 231 -1.82 8.77 13.05
CA VAL A 231 -0.69 7.92 12.76
C VAL A 231 -0.30 7.24 14.06
N GLU A 232 0.03 5.95 13.99
CA GLU A 232 0.50 5.24 15.17
C GLU A 232 1.73 4.42 14.82
N ALA A 233 2.55 4.16 15.85
CA ALA A 233 3.82 3.47 15.67
C ALA A 233 3.90 2.25 16.58
N TYR A 234 4.43 1.16 16.03
CA TYR A 234 4.53 -0.14 16.73
C TYR A 234 5.96 -0.40 17.16
N ASP A 235 6.17 -0.73 18.43
CA ASP A 235 7.50 -1.08 18.98
C ASP A 235 7.50 -2.60 19.14
N PRO A 236 8.26 -3.40 18.35
CA PRO A 236 8.21 -4.85 18.47
C PRO A 236 8.79 -5.34 19.80
N GLU A 237 9.64 -4.55 20.47
CA GLU A 237 10.21 -4.98 21.74
C GLU A 237 9.15 -5.03 22.83
N THR A 238 8.22 -4.07 22.84
CA THR A 238 7.16 -4.02 23.82
C THR A 238 5.83 -4.54 23.28
N ASP A 239 5.73 -4.82 21.99
CA ASP A 239 4.48 -5.25 21.37
C ASP A 239 3.36 -4.26 21.69
N THR A 240 3.65 -2.97 21.48
CA THR A 240 2.69 -1.92 21.78
C THR A 240 2.65 -0.90 20.64
N TRP A 241 1.46 -0.36 20.42
CA TRP A 241 1.23 0.73 19.50
C TRP A 241 1.01 2.02 20.29
N SER A 242 1.53 3.14 19.76
CA SER A 242 1.39 4.46 20.37
C SER A 242 1.11 5.49 19.28
N LEU A 243 0.23 6.44 19.56
CA LEU A 243 0.00 7.51 18.60
C LEU A 243 1.24 8.39 18.48
N VAL A 244 1.46 8.89 17.27
CA VAL A 244 2.41 9.97 17.04
C VAL A 244 1.66 11.15 16.44
N ALA A 245 2.38 12.17 16.00
CA ALA A 245 1.70 13.37 15.52
C ALA A 245 0.87 13.04 14.27
N PRO A 246 -0.32 13.65 14.12
CA PRO A 246 -1.14 13.38 12.95
C PRO A 246 -0.70 14.18 11.74
N MET A 247 -1.07 13.66 10.57
CA MET A 247 -0.80 14.34 9.33
C MET A 247 -1.60 15.63 9.19
N LYS A 248 -1.17 16.46 8.23
CA LYS A 248 -1.94 17.65 7.88
C LYS A 248 -3.25 17.30 7.21
N THR A 249 -3.26 16.27 6.37
CA THR A 249 -4.40 15.91 5.55
C THR A 249 -4.83 14.48 5.86
N ARG A 250 -6.15 14.27 5.94
CA ARG A 250 -6.70 12.93 6.08
C ARG A 250 -6.51 12.16 4.79
N ARG A 251 -6.08 10.90 4.89
CA ARG A 251 -5.75 10.12 3.71
C ARG A 251 -6.04 8.65 3.93
N SER A 252 -6.88 8.09 3.08
N SER A 252 -6.91 8.07 3.13
CA SER A 252 -7.10 6.65 2.95
CA SER A 252 -6.98 6.64 3.01
C SER A 252 -6.65 6.21 1.56
C SER A 252 -6.51 6.25 1.62
N GLY A 253 -6.14 4.99 1.46
CA GLY A 253 -5.56 4.57 0.18
C GLY A 253 -4.30 5.33 -0.14
N VAL A 254 -3.52 5.64 0.87
CA VAL A 254 -2.32 6.45 0.81
C VAL A 254 -1.11 5.55 0.59
N GLY A 255 -0.16 6.03 -0.21
CA GLY A 255 1.12 5.35 -0.36
C GLY A 255 2.12 5.91 0.64
N VAL A 256 2.90 5.03 1.25
CA VAL A 256 3.84 5.44 2.27
C VAL A 256 5.19 4.86 1.95
N ALA A 257 6.23 5.69 2.01
CA ALA A 257 7.59 5.25 1.74
C ALA A 257 8.56 5.95 2.68
N VAL A 258 9.73 5.35 2.87
CA VAL A 258 10.78 5.90 3.71
C VAL A 258 11.94 6.33 2.83
N LEU A 259 12.37 7.57 3.00
CA LEU A 259 13.49 8.12 2.24
C LEU A 259 14.19 9.14 3.10
N ASP A 260 15.51 9.04 3.19
CA ASP A 260 16.34 10.04 3.88
C ASP A 260 15.85 10.30 5.31
N GLY A 261 15.50 9.24 6.03
CA GLY A 261 15.11 9.37 7.41
C GLY A 261 13.75 9.95 7.67
N ARG A 262 12.90 10.05 6.65
CA ARG A 262 11.56 10.56 6.78
C ARG A 262 10.58 9.57 6.19
N ILE A 263 9.36 9.59 6.71
CA ILE A 263 8.25 8.85 6.12
C ILE A 263 7.45 9.81 5.26
N TYR A 264 7.24 9.44 4.01
CA TYR A 264 6.43 10.22 3.09
C TYR A 264 5.07 9.57 2.93
N ALA A 265 4.02 10.37 3.06
CA ALA A 265 2.64 9.98 2.80
C ALA A 265 2.25 10.65 1.49
N VAL A 266 1.90 9.82 0.49
CA VAL A 266 1.76 10.24 -0.90
C VAL A 266 0.32 10.00 -1.33
N GLY A 267 -0.37 11.07 -1.74
CA GLY A 267 -1.68 10.92 -2.33
C GLY A 267 -2.71 10.37 -1.35
N GLY A 268 -3.66 9.63 -1.91
CA GLY A 268 -4.74 9.05 -1.16
C GLY A 268 -6.08 9.70 -1.45
N TYR A 269 -7.03 9.47 -0.53
N TYR A 269 -7.03 9.44 -0.56
CA TYR A 269 -8.42 9.88 -0.68
CA TYR A 269 -8.40 9.91 -0.69
C TYR A 269 -8.86 10.51 0.63
C TYR A 269 -8.80 10.54 0.63
N ASP A 270 -9.42 11.72 0.55
CA ASP A 270 -9.91 12.45 1.71
C ASP A 270 -11.42 12.62 1.55
N GLY A 271 -12.19 11.79 2.25
CA GLY A 271 -13.63 11.82 2.20
C GLY A 271 -14.28 12.79 3.16
N SER A 272 -13.48 13.55 3.91
CA SER A 272 -14.03 14.54 4.82
C SER A 272 -14.59 15.71 4.01
N PRO A 273 -15.51 16.50 4.61
CA PRO A 273 -16.05 17.64 3.91
C PRO A 273 -14.98 18.66 3.51
N ASP A 274 -15.17 19.37 2.42
CA ASP A 274 -14.26 20.47 2.00
C ASP A 274 -12.93 19.93 1.46
N GLY A 275 -12.39 20.64 0.50
CA GLY A 275 -11.10 20.28 -0.07
C GLY A 275 -11.27 19.19 -1.09
N HIS A 276 -10.23 18.95 -1.84
CA HIS A 276 -10.23 17.90 -2.84
C HIS A 276 -10.39 16.54 -2.18
N THR A 277 -10.91 15.60 -2.97
N THR A 277 -10.97 15.60 -2.93
CA THR A 277 -11.19 14.24 -2.54
CA THR A 277 -11.10 14.24 -2.42
C THR A 277 -10.09 13.27 -2.93
C THR A 277 -9.90 13.38 -2.86
N HIS A 278 -9.61 13.35 -4.15
CA HIS A 278 -8.48 12.59 -4.64
C HIS A 278 -7.26 13.48 -4.53
N LEU A 279 -6.21 13.00 -3.89
CA LEU A 279 -5.14 13.85 -3.42
C LEU A 279 -3.92 13.77 -4.32
N ASN A 280 -3.35 14.93 -4.66
CA ASN A 280 -2.00 15.03 -5.19
C ASN A 280 -0.99 15.45 -4.14
N SER A 281 -1.42 15.77 -2.94
CA SER A 281 -0.49 16.30 -1.97
C SER A 281 0.35 15.19 -1.34
N VAL A 282 1.47 15.60 -0.79
CA VAL A 282 2.49 14.72 -0.24
C VAL A 282 3.04 15.39 1.01
N GLU A 283 3.21 14.63 2.08
CA GLU A 283 3.77 15.16 3.31
C GLU A 283 4.79 14.20 3.90
N ALA A 284 5.73 14.77 4.65
CA ALA A 284 6.86 14.02 5.19
C ALA A 284 6.92 14.14 6.70
N TYR A 285 7.18 13.02 7.36
CA TYR A 285 7.24 12.93 8.81
C TYR A 285 8.67 12.78 9.28
N ASP A 286 9.05 13.58 10.28
CA ASP A 286 10.34 13.46 10.95
C ASP A 286 10.16 12.92 12.35
N PRO A 287 10.69 11.73 12.67
CA PRO A 287 10.48 11.18 14.02
C PRO A 287 11.16 11.96 15.12
N GLU A 288 12.28 12.64 14.82
CA GLU A 288 13.01 13.35 15.86
C GLU A 288 12.18 14.49 16.43
N THR A 289 11.62 15.33 15.56
CA THR A 289 10.77 16.43 15.98
C THR A 289 9.29 16.04 16.08
N ASP A 290 8.91 14.86 15.59
CA ASP A 290 7.52 14.41 15.62
C ASP A 290 6.61 15.43 14.91
N THR A 291 6.99 15.76 13.67
CA THR A 291 6.25 16.74 12.88
C THR A 291 6.07 16.23 11.45
N TRP A 292 4.97 16.66 10.84
CA TRP A 292 4.68 16.45 9.43
C TRP A 292 4.72 17.78 8.69
N SER A 293 5.26 17.78 7.48
CA SER A 293 5.30 18.96 6.64
C SER A 293 4.98 18.59 5.21
N LEU A 294 4.18 19.42 4.53
CA LEU A 294 3.91 19.22 3.12
C LEU A 294 5.18 19.47 2.30
N VAL A 295 5.34 18.69 1.24
CA VAL A 295 6.38 18.92 0.24
C VAL A 295 5.66 19.22 -1.08
N ALA A 296 6.41 19.28 -2.17
CA ALA A 296 5.77 19.59 -3.44
C ALA A 296 4.74 18.53 -3.80
N PRO A 297 3.60 18.92 -4.36
CA PRO A 297 2.57 17.93 -4.75
C PRO A 297 2.92 17.26 -6.07
N MET A 298 2.32 16.08 -6.25
CA MET A 298 2.45 15.33 -7.50
C MET A 298 1.70 16.10 -8.58
N LYS A 299 1.97 15.79 -9.82
CA LYS A 299 1.24 16.37 -10.94
C LYS A 299 -0.16 15.77 -11.10
N THR A 300 -0.36 14.53 -10.67
CA THR A 300 -1.62 13.82 -10.80
C THR A 300 -2.16 13.44 -9.43
N ARG A 301 -3.47 13.59 -9.24
CA ARG A 301 -4.16 13.12 -8.04
C ARG A 301 -4.31 11.60 -8.11
N ARG A 302 -3.97 10.92 -7.01
CA ARG A 302 -3.86 9.46 -7.01
C ARG A 302 -4.36 8.88 -5.70
N SER A 303 -5.53 8.24 -5.73
CA SER A 303 -5.98 7.37 -4.65
C SER A 303 -5.53 5.94 -4.95
N GLY A 304 -5.25 5.18 -3.89
CA GLY A 304 -4.85 3.81 -4.15
C GLY A 304 -3.56 3.70 -4.92
N VAL A 305 -2.63 4.62 -4.66
CA VAL A 305 -1.34 4.68 -5.32
C VAL A 305 -0.35 3.74 -4.63
N GLY A 306 0.54 3.16 -5.43
CA GLY A 306 1.64 2.39 -4.90
C GLY A 306 2.90 3.24 -4.91
N VAL A 307 3.71 3.11 -3.87
CA VAL A 307 4.94 3.88 -3.81
C VAL A 307 6.10 2.97 -3.43
N ALA A 308 7.26 3.28 -3.98
CA ALA A 308 8.49 2.63 -3.56
C ALA A 308 9.66 3.57 -3.82
N VAL A 309 10.78 3.27 -3.18
CA VAL A 309 11.97 4.08 -3.24
C VAL A 309 13.03 3.31 -4.02
N LEU A 310 13.59 3.95 -5.03
CA LEU A 310 14.62 3.36 -5.85
C LEU A 310 15.65 4.42 -6.15
#